data_4ECF
#
_entry.id   4ECF
#
_cell.length_a   46.204
_cell.length_b   43.752
_cell.length_c   71.475
_cell.angle_alpha   90.000
_cell.angle_beta   102.570
_cell.angle_gamma   90.000
#
_symmetry.space_group_name_H-M   'P 1 21 1'
#
loop_
_entity.id
_entity.type
_entity.pdbx_description
1 polymer 'ABC-type phosphate transport system, periplasmic component'
2 non-polymer 'PHOSPHATE ION'
3 non-polymer 'ACETATE ION'
4 non-polymer 1,2-ETHANEDIOL
5 water water
#
_entity_poly.entity_id   1
_entity_poly.type   'polypeptide(L)'
_entity_poly.pdbx_seq_one_letter_code
;GAGESITAVGSTALQPLVEAAGEQYTGEHLGTFINVQGGGTGTGLSQIQEGAVQIGNSDLFAGEQKGINARQLVDHRVAV
VGITPIVNKKVGVKNLSTNQLIKIFTGQITNWKEVGGADQSIVLINRAQGSGTRATFEQFGLANHRSKTAQEQDSSG
(MSE)VRSIVATTPGAISYVAFSYVNKTVQALSLNHVAPTEVNVTTNDWRIWSYEHLYTKGHPTGLTKAFITYVQSPAIQ
NTLVRQLGYLSPDQ(MSE)LVERDANGHITKTGGA
;
_entity_poly.pdbx_strand_id   A
#
# COMPACT_ATOMS: atom_id res chain seq x y z
N ALA A 2 -32.07 -0.55 -13.10
CA ALA A 2 -31.81 -1.53 -12.00
C ALA A 2 -30.32 -1.94 -11.99
N GLY A 3 -29.98 -2.92 -12.82
CA GLY A 3 -28.59 -3.32 -13.04
C GLY A 3 -28.00 -4.11 -11.89
N GLU A 4 -26.72 -4.42 -12.00
CA GLU A 4 -25.99 -5.24 -11.05
C GLU A 4 -24.98 -4.35 -10.41
N SER A 5 -24.96 -4.38 -9.07
CA SER A 5 -24.06 -3.58 -8.28
C SER A 5 -23.25 -4.45 -7.34
N ILE A 6 -22.00 -4.05 -7.12
CA ILE A 6 -21.14 -4.64 -6.07
C ILE A 6 -20.36 -3.50 -5.38
N THR A 7 -19.83 -3.81 -4.19
CA THR A 7 -19.05 -2.89 -3.38
C THR A 7 -17.75 -3.55 -2.89
N ALA A 8 -16.65 -2.84 -3.13
CA ALA A 8 -15.30 -3.22 -2.69
C ALA A 8 -14.80 -2.13 -1.74
N VAL A 9 -14.30 -2.53 -0.57
CA VAL A 9 -13.79 -1.55 0.38
C VAL A 9 -12.45 -2.00 0.97
N GLY A 10 -11.67 -1.04 1.48
CA GLY A 10 -10.46 -1.36 2.28
C GLY A 10 -9.24 -0.58 1.88
N SER A 11 -8.16 -1.31 1.61
CA SER A 11 -6.88 -0.71 1.33
C SER A 11 -6.90 0.59 0.54
N THR A 12 -6.38 1.67 1.14
CA THR A 12 -6.20 2.92 0.40
C THR A 12 -5.03 2.88 -0.58
N ALA A 13 -4.06 2.00 -0.36
CA ALA A 13 -3.00 1.79 -1.34
C ALA A 13 -3.53 1.21 -2.66
N LEU A 14 -4.56 0.36 -2.56
CA LEU A 14 -5.10 -0.38 -3.69
C LEU A 14 -6.30 0.37 -4.31
N GLN A 15 -6.85 1.30 -3.56
CA GLN A 15 -8.04 2.01 -3.93
C GLN A 15 -7.93 2.63 -5.33
N PRO A 16 -6.80 3.27 -5.67
CA PRO A 16 -6.77 3.91 -7.00
C PRO A 16 -6.91 2.91 -8.14
N LEU A 17 -6.29 1.76 -8.00
CA LEU A 17 -6.42 0.73 -9.06
C LEU A 17 -7.86 0.16 -9.14
N VAL A 18 -8.47 -0.09 -7.99
CA VAL A 18 -9.84 -0.61 -7.96
C VAL A 18 -10.84 0.41 -8.53
N GLU A 19 -10.64 1.68 -8.20
CA GLU A 19 -11.49 2.73 -8.74
C GLU A 19 -11.32 2.86 -10.26
N ALA A 20 -10.07 2.86 -10.72
CA ALA A 20 -9.83 3.01 -12.18
C ALA A 20 -10.35 1.80 -12.97
N ALA A 21 -10.11 0.60 -12.44
CA ALA A 21 -10.53 -0.62 -13.11
C ALA A 21 -12.07 -0.70 -13.08
N GLY A 22 -12.65 -0.32 -11.96
CA GLY A 22 -14.11 -0.31 -11.81
C GLY A 22 -14.77 0.61 -12.80
N GLU A 23 -14.27 1.83 -12.98
CA GLU A 23 -14.90 2.76 -13.92
C GLU A 23 -14.71 2.27 -15.35
N GLN A 24 -13.55 1.72 -15.63
CA GLN A 24 -13.32 1.19 -16.95
C GLN A 24 -14.27 0.00 -17.23
N TYR A 25 -14.39 -0.91 -16.28
CA TYR A 25 -15.27 -2.06 -16.40
C TYR A 25 -16.72 -1.60 -16.65
N THR A 26 -17.19 -0.67 -15.83
CA THR A 26 -18.61 -0.27 -15.93
C THR A 26 -18.92 0.47 -17.25
N GLY A 27 -17.95 1.21 -17.77
CA GLY A 27 -18.15 1.88 -19.06
C GLY A 27 -18.12 0.92 -20.22
N GLU A 28 -17.54 -0.26 -20.01
CA GLU A 28 -17.50 -1.32 -21.05
C GLU A 28 -18.61 -2.39 -20.91
N HIS A 29 -19.32 -2.40 -19.79
CA HIS A 29 -20.37 -3.41 -19.50
C HIS A 29 -21.62 -2.72 -19.03
N LEU A 30 -22.54 -2.54 -19.94
CA LEU A 30 -23.78 -1.80 -19.66
C LEU A 30 -24.56 -2.42 -18.48
N GLY A 31 -25.07 -1.56 -17.61
CA GLY A 31 -25.96 -2.00 -16.53
C GLY A 31 -25.21 -2.50 -15.32
N THR A 32 -23.94 -2.12 -15.19
CA THR A 32 -23.12 -2.52 -14.07
C THR A 32 -22.67 -1.31 -13.23
N PHE A 33 -22.48 -1.55 -11.93
CA PHE A 33 -22.13 -0.51 -10.98
C PHE A 33 -21.14 -1.10 -9.99
N ILE A 34 -20.01 -0.42 -9.79
CA ILE A 34 -18.99 -0.89 -8.87
C ILE A 34 -18.65 0.27 -7.95
N ASN A 35 -18.95 0.08 -6.67
CA ASN A 35 -18.77 1.10 -5.65
C ASN A 35 -17.50 0.77 -4.91
N VAL A 36 -16.61 1.75 -4.76
CA VAL A 36 -15.30 1.50 -4.14
C VAL A 36 -15.16 2.47 -2.97
N GLN A 37 -14.75 1.94 -1.83
CA GLN A 37 -14.43 2.78 -0.67
C GLN A 37 -13.03 2.46 -0.17
N GLY A 38 -12.51 3.39 0.65
CA GLY A 38 -11.28 3.18 1.40
C GLY A 38 -11.55 2.54 2.74
N GLY A 39 -10.89 3.05 3.78
CA GLY A 39 -10.98 2.49 5.14
C GLY A 39 -9.76 1.79 5.67
N GLY A 40 -8.91 1.34 4.78
CA GLY A 40 -7.68 0.65 5.11
C GLY A 40 -7.84 -0.85 4.98
N THR A 41 -6.70 -1.52 4.94
CA THR A 41 -6.64 -2.97 4.84
C THR A 41 -7.44 -3.65 5.94
N GLY A 42 -7.28 -3.18 7.18
CA GLY A 42 -7.96 -3.81 8.32
C GLY A 42 -9.47 -3.81 8.24
N THR A 43 -10.03 -2.70 7.77
CA THR A 43 -11.45 -2.57 7.50
C THR A 43 -11.86 -3.47 6.32
N GLY A 44 -11.06 -3.55 5.27
CA GLY A 44 -11.32 -4.43 4.16
C GLY A 44 -11.48 -5.87 4.60
N LEU A 45 -10.51 -6.36 5.36
CA LEU A 45 -10.53 -7.72 5.86
C LEU A 45 -11.68 -7.95 6.84
N SER A 46 -11.89 -7.04 7.77
CA SER A 46 -13.00 -7.22 8.71
C SER A 46 -14.37 -7.22 8.02
N GLN A 47 -14.56 -6.36 7.02
CA GLN A 47 -15.87 -6.25 6.36
C GLN A 47 -16.13 -7.46 5.44
N ILE A 48 -15.10 -7.95 4.79
CA ILE A 48 -15.30 -9.12 3.94
C ILE A 48 -15.59 -10.36 4.80
N GLN A 49 -14.87 -10.51 5.92
CA GLN A 49 -15.17 -11.60 6.86
C GLN A 49 -16.61 -11.56 7.35
N GLU A 50 -17.09 -10.35 7.62
CA GLU A 50 -18.48 -10.16 8.06
C GLU A 50 -19.51 -10.43 6.97
N GLY A 51 -19.07 -10.46 5.71
CA GLY A 51 -19.94 -10.60 4.57
C GLY A 51 -20.74 -9.32 4.34
N ALA A 52 -20.16 -8.18 4.76
CA ALA A 52 -20.82 -6.90 4.66
C ALA A 52 -20.57 -6.17 3.33
N VAL A 53 -19.62 -6.72 2.55
CA VAL A 53 -19.26 -6.18 1.22
C VAL A 53 -18.98 -7.37 0.31
N GLN A 54 -18.80 -7.10 -0.97
CA GLN A 54 -18.51 -8.18 -1.92
C GLN A 54 -17.00 -8.48 -2.02
N ILE A 55 -16.17 -7.44 -1.93
CA ILE A 55 -14.69 -7.53 -2.06
C ILE A 55 -14.04 -6.75 -0.94
N GLY A 56 -13.08 -7.40 -0.26
CA GLY A 56 -12.20 -6.75 0.70
C GLY A 56 -10.87 -6.49 0.06
N ASN A 57 -10.50 -5.23 -0.06
CA ASN A 57 -9.24 -4.81 -0.67
C ASN A 57 -8.17 -4.80 0.40
N SER A 58 -7.08 -5.52 0.18
CA SER A 58 -6.07 -5.72 1.21
C SER A 58 -4.65 -5.70 0.65
N ASP A 59 -3.74 -5.07 1.37
CA ASP A 59 -2.29 -5.17 1.09
C ASP A 59 -1.62 -6.33 1.78
N LEU A 60 -2.37 -7.06 2.61
CA LEU A 60 -1.84 -8.14 3.42
C LEU A 60 -2.55 -9.47 3.12
N PHE A 61 -1.88 -10.58 3.37
CA PHE A 61 -2.60 -11.87 3.46
C PHE A 61 -3.57 -11.84 4.63
N ALA A 62 -4.74 -12.49 4.47
CA ALA A 62 -5.80 -12.39 5.47
C ALA A 62 -5.34 -12.85 6.85
N GLY A 63 -4.52 -13.92 6.87
CA GLY A 63 -3.95 -14.46 8.10
C GLY A 63 -3.01 -13.57 8.90
N GLU A 64 -2.52 -12.48 8.30
CA GLU A 64 -1.67 -11.49 8.98
C GLU A 64 -2.40 -10.62 10.01
N GLN A 65 -3.74 -10.58 9.94
CA GLN A 65 -4.54 -9.70 10.79
C GLN A 65 -5.21 -10.54 11.88
N LYS A 66 -4.92 -10.20 13.13
CA LYS A 66 -5.51 -10.94 14.27
C LYS A 66 -7.04 -10.90 14.20
N GLY A 67 -7.67 -12.06 14.37
CA GLY A 67 -9.13 -12.19 14.41
C GLY A 67 -9.80 -12.45 13.08
N ILE A 68 -9.02 -12.51 12.01
CA ILE A 68 -9.55 -12.85 10.67
C ILE A 68 -9.35 -14.35 10.43
N ASN A 69 -10.42 -15.05 10.12
CA ASN A 69 -10.34 -16.46 9.70
CA ASN A 69 -10.33 -16.45 9.69
C ASN A 69 -10.08 -16.57 8.19
N ALA A 70 -8.81 -16.74 7.83
CA ALA A 70 -8.41 -16.78 6.42
C ALA A 70 -9.08 -17.92 5.62
N ARG A 71 -9.46 -18.99 6.31
CA ARG A 71 -9.99 -20.18 5.61
C ARG A 71 -11.44 -20.01 5.06
N GLN A 72 -12.17 -18.98 5.46
CA GLN A 72 -13.47 -18.72 4.89
C GLN A 72 -13.38 -17.66 3.75
N LEU A 73 -12.20 -17.10 3.54
CA LEU A 73 -11.99 -16.12 2.49
C LEU A 73 -11.27 -16.78 1.34
N VAL A 74 -11.45 -16.20 0.16
CA VAL A 74 -10.74 -16.63 -1.04
C VAL A 74 -9.88 -15.47 -1.57
N ASP A 75 -8.59 -15.71 -1.65
CA ASP A 75 -7.60 -14.76 -2.12
C ASP A 75 -7.61 -14.61 -3.63
N HIS A 76 -7.35 -13.39 -4.09
CA HIS A 76 -7.09 -13.12 -5.51
C HIS A 76 -6.05 -12.04 -5.56
N ARG A 77 -4.84 -12.39 -5.94
CA ARG A 77 -3.78 -11.38 -6.05
C ARG A 77 -3.83 -10.71 -7.41
N VAL A 78 -3.63 -9.39 -7.45
CA VAL A 78 -3.85 -8.61 -8.66
C VAL A 78 -2.70 -7.70 -9.03
N ALA A 79 -1.76 -7.50 -8.12
CA ALA A 79 -0.71 -6.50 -8.32
C ALA A 79 0.28 -6.61 -7.18
N VAL A 80 1.44 -5.98 -7.38
CA VAL A 80 2.38 -5.65 -6.29
C VAL A 80 2.40 -4.13 -6.19
N VAL A 81 2.43 -3.61 -4.98
CA VAL A 81 2.57 -2.16 -4.71
C VAL A 81 3.85 -1.90 -3.92
N GLY A 82 4.63 -0.92 -4.39
CA GLY A 82 5.77 -0.41 -3.66
C GLY A 82 5.32 0.63 -2.64
N ILE A 83 6.04 0.67 -1.53
CA ILE A 83 5.83 1.66 -0.46
C ILE A 83 7.14 2.41 -0.25
N THR A 84 7.01 3.73 -0.12
CA THR A 84 8.18 4.60 0.03
C THR A 84 7.99 5.60 1.19
N PRO A 85 9.05 5.84 1.94
CA PRO A 85 9.01 7.02 2.81
C PRO A 85 8.87 8.28 1.97
N ILE A 86 8.15 9.26 2.52
CA ILE A 86 8.02 10.56 1.92
C ILE A 86 8.28 11.62 2.97
N VAL A 87 8.88 12.72 2.53
CA VAL A 87 9.17 13.82 3.42
C VAL A 87 8.70 15.14 2.85
N ASN A 88 8.52 16.11 3.74
CA ASN A 88 8.26 17.47 3.34
C ASN A 88 9.47 17.94 2.52
N LYS A 89 9.23 18.67 1.45
CA LYS A 89 10.30 19.00 0.50
C LYS A 89 11.42 19.88 1.05
N LYS A 90 11.22 20.50 2.21
CA LYS A 90 12.23 21.35 2.82
C LYS A 90 13.07 20.67 3.92
N VAL A 91 12.99 19.35 4.12
CA VAL A 91 13.74 18.75 5.25
C VAL A 91 15.25 18.67 4.97
N GLY A 92 15.64 18.81 3.70
CA GLY A 92 17.07 18.88 3.34
C GLY A 92 17.77 17.54 3.09
N VAL A 93 17.00 16.45 2.94
CA VAL A 93 17.57 15.15 2.60
C VAL A 93 16.69 14.43 1.59
N LYS A 94 17.36 13.58 0.83
CA LYS A 94 16.75 12.76 -0.20
C LYS A 94 17.01 11.26 -0.03
N ASN A 95 17.79 10.91 1.00
CA ASN A 95 18.21 9.55 1.25
C ASN A 95 18.39 9.36 2.73
N LEU A 96 18.08 8.16 3.21
CA LEU A 96 18.45 7.69 4.56
C LEU A 96 18.97 6.27 4.50
N SER A 97 19.88 5.91 5.40
CA SER A 97 20.20 4.49 5.56
C SER A 97 19.06 3.82 6.34
N THR A 98 19.02 2.49 6.34
CA THR A 98 18.06 1.77 7.18
C THR A 98 18.21 2.19 8.67
N ASN A 99 19.44 2.25 9.16
CA ASN A 99 19.64 2.57 10.57
C ASN A 99 19.12 3.97 10.89
N GLN A 100 19.37 4.94 10.00
CA GLN A 100 18.81 6.29 10.20
C GLN A 100 17.29 6.28 10.19
N LEU A 101 16.69 5.56 9.24
CA LEU A 101 15.24 5.48 9.15
C LEU A 101 14.64 4.92 10.45
N ILE A 102 15.25 3.87 10.98
CA ILE A 102 14.75 3.22 12.19
C ILE A 102 14.88 4.20 13.36
N LYS A 103 16.02 4.85 13.44
CA LYS A 103 16.28 5.79 14.53
C LYS A 103 15.30 6.95 14.46
N ILE A 104 14.93 7.38 13.26
CA ILE A 104 13.93 8.45 13.15
C ILE A 104 12.56 7.99 13.63
N PHE A 105 12.09 6.86 13.14
CA PHE A 105 10.74 6.38 13.50
C PHE A 105 10.61 5.91 14.95
N THR A 106 11.73 5.52 15.56
CA THR A 106 11.72 5.19 16.98
C THR A 106 11.91 6.39 17.89
N GLY A 107 12.23 7.56 17.33
CA GLY A 107 12.45 8.76 18.14
C GLY A 107 13.84 8.98 18.69
N GLN A 108 14.80 8.15 18.28
CA GLN A 108 16.18 8.33 18.71
C GLN A 108 16.86 9.53 18.06
N ILE A 109 16.48 9.83 16.82
CA ILE A 109 16.92 11.02 16.10
C ILE A 109 15.72 11.93 15.99
N THR A 110 15.86 13.18 16.42
CA THR A 110 14.69 14.08 16.51
C THR A 110 14.80 15.37 15.67
N ASN A 111 15.96 15.61 15.06
CA ASN A 111 16.20 16.76 14.21
C ASN A 111 16.86 16.30 12.89
N TRP A 112 16.40 16.83 11.75
CA TRP A 112 16.95 16.47 10.48
C TRP A 112 18.45 16.77 10.31
N LYS A 113 18.97 17.71 11.10
CA LYS A 113 20.39 18.01 10.98
C LYS A 113 21.26 16.80 11.35
N GLU A 114 20.71 15.89 12.15
CA GLU A 114 21.41 14.70 12.60
C GLU A 114 21.69 13.74 11.44
N VAL A 115 20.98 13.91 10.33
CA VAL A 115 21.14 13.05 9.19
C VAL A 115 21.53 13.87 7.95
N GLY A 116 22.09 15.05 8.18
CA GLY A 116 22.63 15.91 7.10
C GLY A 116 21.65 16.88 6.50
N GLY A 117 20.47 17.01 7.11
CA GLY A 117 19.44 17.88 6.60
C GLY A 117 19.42 19.23 7.30
N ALA A 118 18.32 19.96 7.15
CA ALA A 118 18.14 21.28 7.75
C ALA A 118 18.02 21.15 9.26
N ASP A 119 18.33 22.23 9.98
CA ASP A 119 18.06 22.29 11.43
C ASP A 119 16.56 22.49 11.58
N GLN A 120 15.85 21.38 11.82
CA GLN A 120 14.40 21.36 11.85
C GLN A 120 13.97 20.13 12.65
N SER A 121 13.07 20.32 13.61
CA SER A 121 12.55 19.18 14.35
C SER A 121 11.77 18.26 13.42
N ILE A 122 11.95 16.95 13.60
CA ILE A 122 11.25 15.93 12.80
C ILE A 122 9.82 15.78 13.33
N VAL A 123 8.85 15.66 12.42
CA VAL A 123 7.48 15.37 12.79
C VAL A 123 7.09 14.06 12.16
N LEU A 124 6.95 13.03 12.97
CA LEU A 124 6.52 11.72 12.48
C LEU A 124 5.02 11.78 12.20
N ILE A 125 4.65 11.26 11.03
CA ILE A 125 3.24 11.07 10.68
C ILE A 125 3.03 9.58 10.41
N ASN A 126 2.10 8.97 11.12
CA ASN A 126 1.85 7.54 10.97
C ASN A 126 0.45 7.30 10.43
N ARG A 127 0.24 6.12 9.87
CA ARG A 127 -1.10 5.65 9.69
C ARG A 127 -1.56 4.95 10.95
N ALA A 128 -2.87 4.77 11.07
CA ALA A 128 -3.45 4.00 12.14
C ALA A 128 -3.18 2.51 12.01
N GLN A 129 -3.17 1.82 13.16
CA GLN A 129 -3.05 0.38 13.24
C GLN A 129 -4.15 -0.26 12.38
N GLY A 130 -3.78 -1.33 11.67
CA GLY A 130 -4.67 -1.93 10.67
C GLY A 130 -4.34 -1.56 9.25
N SER A 131 -3.62 -0.45 9.06
CA SER A 131 -3.13 -0.03 7.75
C SER A 131 -2.14 -1.05 7.22
N GLY A 132 -2.35 -1.50 5.98
CA GLY A 132 -1.47 -2.46 5.40
C GLY A 132 -0.15 -1.84 4.98
N THR A 133 -0.22 -0.55 4.66
CA THR A 133 1.02 0.25 4.37
C THR A 133 1.89 0.29 5.62
N ARG A 134 1.28 0.61 6.74
CA ARG A 134 2.03 0.66 7.97
C ARG A 134 2.65 -0.72 8.33
N ALA A 135 1.89 -1.81 8.23
CA ALA A 135 2.42 -3.13 8.54
C ALA A 135 3.61 -3.47 7.66
N THR A 136 3.49 -3.17 6.37
CA THR A 136 4.54 -3.49 5.40
C THR A 136 5.78 -2.67 5.66
N PHE A 137 5.55 -1.41 6.02
CA PHE A 137 6.64 -0.47 6.26
C PHE A 137 7.42 -0.88 7.52
N GLU A 138 6.69 -1.25 8.57
CA GLU A 138 7.37 -1.68 9.83
C GLU A 138 8.18 -2.96 9.62
N GLN A 139 7.59 -3.93 8.89
CA GLN A 139 8.26 -5.18 8.69
C GLN A 139 9.48 -5.05 7.76
N PHE A 140 9.31 -4.41 6.59
CA PHE A 140 10.34 -4.44 5.56
C PHE A 140 11.19 -3.18 5.43
N GLY A 141 10.71 -2.09 6.04
CA GLY A 141 11.43 -0.82 6.17
C GLY A 141 12.16 -0.61 7.50
N LEU A 142 11.46 -0.95 8.58
CA LEU A 142 11.95 -0.73 9.95
C LEU A 142 12.46 -2.00 10.68
N ALA A 143 12.67 -3.10 9.98
CA ALA A 143 13.17 -4.34 10.61
C ALA A 143 12.37 -4.72 11.87
N ASN A 144 11.04 -4.58 11.75
CA ASN A 144 10.09 -4.89 12.81
C ASN A 144 10.14 -3.99 14.06
N HIS A 145 10.84 -2.86 13.99
CA HIS A 145 10.71 -1.85 15.03
C HIS A 145 9.33 -1.20 14.98
N ARG A 146 8.78 -0.94 16.17
CA ARG A 146 7.53 -0.18 16.35
C ARG A 146 7.82 1.30 16.31
N SER A 147 6.93 2.08 15.70
CA SER A 147 7.07 3.50 15.63
CA SER A 147 7.13 3.54 15.65
C SER A 147 6.83 4.13 17.00
N LYS A 148 7.55 5.20 17.28
CA LYS A 148 7.23 6.14 18.32
C LYS A 148 5.78 6.64 18.10
N THR A 149 5.01 6.83 19.17
CA THR A 149 3.68 7.48 19.12
C THR A 149 3.75 8.84 18.41
N ALA A 150 2.87 9.04 17.42
CA ALA A 150 2.92 10.15 16.44
C ALA A 150 1.48 10.58 16.13
N GLN A 151 1.36 11.75 15.51
CA GLN A 151 0.15 12.13 14.77
C GLN A 151 -0.22 11.02 13.78
N GLU A 152 -1.50 10.62 13.77
CA GLU A 152 -2.00 9.58 12.83
C GLU A 152 -3.04 10.12 11.87
N GLN A 153 -3.06 9.53 10.68
CA GLN A 153 -3.97 9.95 9.61
C GLN A 153 -4.67 8.69 9.12
N ASP A 154 -5.86 8.81 8.52
CA ASP A 154 -6.69 7.64 8.27
C ASP A 154 -6.52 7.08 6.88
N SER A 155 -5.73 7.74 6.01
CA SER A 155 -5.58 7.21 4.64
C SER A 155 -4.24 7.62 4.04
N SER A 156 -3.91 6.96 2.93
CA SER A 156 -2.76 7.33 2.12
C SER A 156 -2.82 8.80 1.67
N GLY A 157 -3.99 9.23 1.17
CA GLY A 157 -4.16 10.59 0.68
C GLY A 157 -3.97 11.66 1.75
N VAL A 159 -2.14 11.25 4.60
CA VAL A 159 -0.72 11.23 4.93
C VAL A 159 0.03 12.13 3.92
N ARG A 160 -0.23 11.92 2.61
CA ARG A 160 0.44 12.75 1.61
C ARG A 160 0.17 14.28 1.82
N SER A 161 -1.08 14.70 2.01
CA SER A 161 -1.37 16.12 2.15
C SER A 161 -0.76 16.76 3.41
N ILE A 162 -0.76 16.02 4.51
CA ILE A 162 -0.20 16.52 5.75
CA ILE A 162 -0.20 16.55 5.76
C ILE A 162 1.33 16.61 5.64
N VAL A 163 1.95 15.62 5.01
CA VAL A 163 3.41 15.68 4.80
C VAL A 163 3.78 16.90 3.96
N ALA A 164 2.99 17.14 2.90
CA ALA A 164 3.25 18.24 1.99
C ALA A 164 3.30 19.59 2.68
N THR A 165 2.39 19.81 3.63
CA THR A 165 2.24 21.11 4.27
C THR A 165 2.85 21.25 5.64
N THR A 166 3.45 20.18 6.17
CA THR A 166 3.96 20.21 7.54
C THR A 166 5.49 20.22 7.59
N PRO A 167 6.07 21.35 8.02
CA PRO A 167 7.51 21.40 8.13
C PRO A 167 8.05 20.23 8.94
N GLY A 168 9.14 19.62 8.46
CA GLY A 168 9.80 18.56 9.23
C GLY A 168 9.20 17.17 9.08
N ALA A 169 8.10 17.04 8.34
CA ALA A 169 7.30 15.78 8.33
C ALA A 169 7.94 14.64 7.54
N ILE A 170 7.82 13.44 8.10
CA ILE A 170 8.05 12.21 7.38
C ILE A 170 6.91 11.21 7.60
N SER A 171 6.58 10.47 6.54
CA SER A 171 5.60 9.38 6.60
C SER A 171 5.96 8.36 5.53
N TYR A 172 4.98 7.53 5.23
CA TYR A 172 5.16 6.47 4.23
C TYR A 172 3.88 6.35 3.43
N VAL A 173 4.02 6.02 2.12
CA VAL A 173 2.89 5.93 1.24
C VAL A 173 3.21 5.04 0.06
N ALA A 174 2.17 4.43 -0.45
CA ALA A 174 2.27 3.62 -1.69
C ALA A 174 2.81 4.48 -2.85
N PHE A 175 3.61 3.86 -3.75
CA PHE A 175 4.23 4.55 -4.88
C PHE A 175 3.30 5.48 -5.73
N SER A 176 2.10 5.04 -6.00
CA SER A 176 1.19 5.87 -6.85
C SER A 176 0.89 7.25 -6.25
N TYR A 177 0.88 7.32 -4.92
CA TYR A 177 0.52 8.57 -4.30
C TYR A 177 1.64 9.59 -4.37
N VAL A 178 2.86 9.17 -4.70
CA VAL A 178 3.94 10.13 -4.75
C VAL A 178 3.70 11.13 -5.89
N ASN A 179 3.78 12.42 -5.57
CA ASN A 179 3.67 13.52 -6.55
C ASN A 179 4.57 14.69 -6.14
N LYS A 180 4.49 15.78 -6.90
CA LYS A 180 5.36 16.95 -6.75
C LYS A 180 5.25 17.68 -5.41
N THR A 181 4.19 17.41 -4.64
CA THR A 181 4.01 18.08 -3.36
C THR A 181 4.88 17.48 -2.23
N VAL A 182 5.41 16.28 -2.46
CA VAL A 182 6.26 15.61 -1.48
C VAL A 182 7.52 15.01 -2.13
N GLN A 183 8.47 14.58 -1.30
CA GLN A 183 9.73 14.01 -1.75
C GLN A 183 9.85 12.58 -1.28
N ALA A 184 9.90 11.61 -2.20
CA ALA A 184 10.21 10.20 -1.87
C ALA A 184 11.67 10.09 -1.52
N LEU A 185 11.96 9.34 -0.47
CA LEU A 185 13.34 9.04 -0.14
C LEU A 185 13.86 7.77 -0.75
N SER A 186 15.12 7.81 -1.17
CA SER A 186 15.91 6.63 -1.40
CA SER A 186 15.88 6.60 -1.38
C SER A 186 16.28 6.10 0.01
N LEU A 187 16.54 4.80 0.09
CA LEU A 187 17.02 4.13 1.32
C LEU A 187 18.27 3.36 0.97
N ASN A 188 19.34 3.58 1.71
CA ASN A 188 20.64 2.96 1.42
C ASN A 188 21.10 3.25 -0.02
N HIS A 189 20.73 4.42 -0.50
CA HIS A 189 20.97 4.87 -1.85
C HIS A 189 20.42 3.95 -2.92
N VAL A 190 19.33 3.22 -2.58
CA VAL A 190 18.50 2.52 -3.56
C VAL A 190 17.20 3.30 -3.73
N ALA A 191 16.86 3.59 -4.99
CA ALA A 191 15.70 4.43 -5.26
C ALA A 191 14.44 3.61 -5.25
N PRO A 192 13.29 4.22 -4.90
CA PRO A 192 11.97 3.56 -4.89
C PRO A 192 11.42 3.55 -6.33
N THR A 193 11.91 2.61 -7.12
CA THR A 193 11.55 2.43 -8.52
C THR A 193 10.89 1.04 -8.73
N GLU A 194 10.17 0.92 -9.84
CA GLU A 194 9.56 -0.35 -10.24
C GLU A 194 10.61 -1.43 -10.40
N VAL A 195 11.70 -1.14 -11.11
CA VAL A 195 12.73 -2.14 -11.35
C VAL A 195 13.29 -2.65 -10.05
N ASN A 196 13.53 -1.73 -9.11
CA ASN A 196 14.11 -2.17 -7.84
C ASN A 196 13.14 -3.03 -7.02
N VAL A 197 11.83 -2.84 -7.17
CA VAL A 197 10.87 -3.73 -6.48
C VAL A 197 10.93 -5.12 -7.13
N THR A 198 11.02 -5.16 -8.46
CA THR A 198 11.01 -6.47 -9.13
C THR A 198 12.13 -7.38 -8.67
N THR A 199 13.28 -6.81 -8.34
CA THR A 199 14.42 -7.60 -7.90
C THR A 199 14.54 -7.76 -6.38
N ASN A 200 13.65 -7.09 -5.64
CA ASN A 200 13.74 -6.95 -4.19
C ASN A 200 14.95 -6.13 -3.72
N ASP A 201 15.61 -5.39 -4.60
CA ASP A 201 16.61 -4.42 -4.15
C ASP A 201 15.96 -3.29 -3.33
N TRP A 202 14.73 -2.96 -3.68
CA TRP A 202 13.84 -2.18 -2.83
C TRP A 202 12.91 -3.18 -2.15
N ARG A 203 13.01 -3.31 -0.83
CA ARG A 203 12.35 -4.40 -0.09
C ARG A 203 10.95 -4.06 0.37
N ILE A 204 10.60 -2.80 0.35
CA ILE A 204 9.30 -2.37 0.95
C ILE A 204 8.20 -2.38 -0.13
N TRP A 205 7.43 -3.49 -0.17
CA TRP A 205 6.42 -3.73 -1.18
C TRP A 205 5.55 -4.82 -0.63
N SER A 206 4.34 -4.92 -1.16
CA SER A 206 3.48 -6.07 -0.82
C SER A 206 2.63 -6.49 -2.02
N TYR A 207 2.01 -7.65 -1.89
CA TYR A 207 1.03 -8.10 -2.86
C TYR A 207 -0.30 -7.40 -2.54
N GLU A 208 -1.03 -7.08 -3.58
CA GLU A 208 -2.39 -6.51 -3.51
C GLU A 208 -3.42 -7.58 -3.73
N HIS A 209 -4.42 -7.64 -2.84
CA HIS A 209 -5.40 -8.73 -2.77
C HIS A 209 -6.82 -8.23 -2.90
N LEU A 210 -7.63 -8.94 -3.66
CA LEU A 210 -9.10 -8.72 -3.72
C LEU A 210 -9.74 -9.95 -3.08
N TYR A 211 -9.96 -9.94 -1.78
CA TYR A 211 -10.59 -11.05 -1.10
C TYR A 211 -12.07 -11.08 -1.27
N THR A 212 -12.59 -12.32 -1.39
CA THR A 212 -14.03 -12.61 -1.36
C THR A 212 -14.37 -13.61 -0.26
N LYS A 213 -15.63 -13.59 0.16
CA LYS A 213 -16.18 -14.57 1.11
C LYS A 213 -16.77 -15.69 0.32
N GLY A 214 -16.04 -16.80 0.29
CA GLY A 214 -16.34 -17.91 -0.61
C GLY A 214 -15.89 -17.60 -2.00
N HIS A 215 -16.07 -18.57 -2.91
CA HIS A 215 -15.75 -18.34 -4.28
C HIS A 215 -16.80 -17.42 -4.86
N PRO A 216 -16.38 -16.39 -5.57
CA PRO A 216 -17.35 -15.39 -6.03
C PRO A 216 -18.15 -15.79 -7.28
N THR A 217 -19.32 -15.17 -7.40
CA THR A 217 -20.21 -15.32 -8.57
C THR A 217 -20.58 -13.95 -9.15
N GLY A 218 -21.25 -13.97 -10.30
CA GLY A 218 -21.84 -12.79 -10.87
C GLY A 218 -20.78 -11.70 -11.13
N LEU A 219 -21.18 -10.49 -10.83
CA LEU A 219 -20.33 -9.32 -11.16
C LEU A 219 -19.05 -9.31 -10.36
N THR A 220 -19.09 -9.76 -9.10
CA THR A 220 -17.87 -9.87 -8.31
C THR A 220 -16.84 -10.72 -9.02
N LYS A 221 -17.26 -11.90 -9.48
CA LYS A 221 -16.36 -12.83 -10.18
C LYS A 221 -15.86 -12.20 -11.48
N ALA A 222 -16.78 -11.62 -12.26
CA ALA A 222 -16.44 -11.03 -13.52
C ALA A 222 -15.44 -9.89 -13.40
N PHE A 223 -15.64 -9.03 -12.40
CA PHE A 223 -14.73 -7.92 -12.22
C PHE A 223 -13.33 -8.39 -11.81
N ILE A 224 -13.26 -9.32 -10.86
CA ILE A 224 -11.94 -9.84 -10.48
C ILE A 224 -11.22 -10.46 -11.68
N THR A 225 -11.93 -11.28 -12.45
CA THR A 225 -11.37 -11.85 -13.69
C THR A 225 -10.82 -10.73 -14.62
N TYR A 226 -11.59 -9.65 -14.76
CA TYR A 226 -11.18 -8.50 -15.56
C TYR A 226 -9.91 -7.84 -15.05
N VAL A 227 -9.83 -7.59 -13.74
CA VAL A 227 -8.65 -6.97 -13.15
C VAL A 227 -7.41 -7.87 -13.35
N GLN A 228 -7.58 -9.19 -13.30
CA GLN A 228 -6.44 -10.13 -13.45
C GLN A 228 -6.12 -10.43 -14.94
N SER A 229 -6.90 -9.92 -15.88
CA SER A 229 -6.77 -10.34 -17.27
C SER A 229 -5.54 -9.68 -17.88
N PRO A 230 -4.83 -10.40 -18.78
CA PRO A 230 -3.60 -9.87 -19.37
C PRO A 230 -3.80 -8.47 -19.97
N ALA A 231 -4.95 -8.24 -20.60
CA ALA A 231 -5.20 -6.94 -21.20
C ALA A 231 -5.11 -5.83 -20.17
N ILE A 232 -5.58 -6.07 -18.95
CA ILE A 232 -5.64 -5.02 -17.93
C ILE A 232 -4.35 -4.91 -17.06
N GLN A 233 -3.77 -6.08 -16.81
CA GLN A 233 -2.44 -6.23 -16.25
C GLN A 233 -1.36 -5.53 -17.08
N ASN A 234 -1.47 -5.60 -18.40
CA ASN A 234 -0.43 -5.00 -19.27
C ASN A 234 -0.55 -3.47 -19.46
N THR A 235 -1.71 -2.92 -19.08
CA THR A 235 -2.04 -1.54 -19.30
C THR A 235 -2.24 -0.77 -17.97
N LEU A 236 -3.45 -0.87 -17.42
CA LEU A 236 -3.89 -0.01 -16.35
C LEU A 236 -3.05 -0.20 -15.07
N VAL A 237 -2.74 -1.46 -14.76
CA VAL A 237 -1.99 -1.79 -13.54
C VAL A 237 -0.66 -1.03 -13.51
N ARG A 238 0.09 -1.14 -14.61
CA ARG A 238 1.37 -0.46 -14.77
C ARG A 238 1.25 1.08 -14.84
N GLN A 239 0.24 1.60 -15.55
CA GLN A 239 0.04 3.05 -15.62
C GLN A 239 -0.15 3.72 -14.29
N LEU A 240 -0.80 3.06 -13.34
CA LEU A 240 -1.10 3.67 -12.07
C LEU A 240 0.00 3.48 -11.03
N GLY A 241 1.13 2.88 -11.41
CA GLY A 241 2.26 2.79 -10.53
C GLY A 241 2.50 1.45 -9.88
N TYR A 242 1.63 0.48 -10.12
CA TYR A 242 1.77 -0.84 -9.55
C TYR A 242 2.58 -1.71 -10.49
N LEU A 243 2.97 -2.87 -9.99
CA LEU A 243 3.60 -3.91 -10.78
C LEU A 243 2.59 -5.02 -11.01
N SER A 244 2.48 -5.50 -12.26
CA SER A 244 1.80 -6.75 -12.52
CA SER A 244 1.75 -6.73 -12.46
C SER A 244 2.63 -7.86 -11.89
N PRO A 245 2.00 -8.85 -11.25
CA PRO A 245 2.83 -9.89 -10.61
C PRO A 245 3.81 -10.63 -11.53
N ASP A 246 3.51 -10.77 -12.81
CA ASP A 246 4.43 -11.38 -13.78
C ASP A 246 5.72 -10.58 -14.02
N GLN A 247 5.77 -9.32 -13.60
CA GLN A 247 7.01 -8.53 -13.69
C GLN A 247 8.00 -8.91 -12.58
N LEU A 249 10.64 -10.63 -10.26
CA LEU A 249 11.78 -11.52 -10.45
C LEU A 249 12.11 -12.23 -9.15
N VAL A 250 11.28 -12.00 -8.14
CA VAL A 250 11.35 -12.70 -6.87
C VAL A 250 9.91 -13.06 -6.44
N GLU A 251 9.82 -14.02 -5.52
CA GLU A 251 8.57 -14.32 -4.81
C GLU A 251 8.85 -14.27 -3.31
N ARG A 252 7.85 -13.86 -2.55
CA ARG A 252 8.00 -13.76 -1.10
C ARG A 252 6.90 -14.54 -0.36
N ASP A 253 7.34 -15.41 0.57
CA ASP A 253 6.48 -16.32 1.35
C ASP A 253 6.22 -15.76 2.74
N ALA A 254 5.45 -16.51 3.53
CA ALA A 254 4.86 -16.00 4.77
C ALA A 254 5.91 -15.69 5.84
N ASN A 255 7.00 -16.45 5.85
CA ASN A 255 8.16 -16.17 6.74
C ASN A 255 9.05 -15.02 6.26
N GLY A 256 8.66 -14.38 5.15
CA GLY A 256 9.41 -13.29 4.54
C GLY A 256 10.51 -13.79 3.64
N HIS A 257 10.68 -15.10 3.53
CA HIS A 257 11.74 -15.68 2.71
C HIS A 257 11.51 -15.28 1.26
N ILE A 258 12.60 -14.81 0.64
CA ILE A 258 12.65 -14.47 -0.77
C ILE A 258 13.23 -15.64 -1.56
N THR A 259 12.52 -16.08 -2.59
CA THR A 259 13.09 -16.96 -3.62
C THR A 259 13.23 -16.20 -4.96
N LYS A 260 14.40 -16.32 -5.59
CA LYS A 260 14.71 -15.55 -6.80
C LYS A 260 14.31 -16.35 -8.05
N THR A 261 13.44 -15.76 -8.87
CA THR A 261 12.71 -16.51 -9.90
C THR A 261 12.67 -15.79 -11.25
#